data_8GBW
#
_entry.id   8GBW
#
_cell.length_a   48.284
_cell.length_b   83.367
_cell.length_c   151.767
_cell.angle_alpha   90.000
_cell.angle_beta   90.000
_cell.angle_gamma   90.000
#
_symmetry.space_group_name_H-M   'P 21 21 21'
#
loop_
_entity.id
_entity.type
_entity.pdbx_description
1 polymer 'PC39-23D Fab heavy chain'
2 polymer 'PC39-23D Fab light chain'
3 non-polymer 1,2-ETHANEDIOL
4 non-polymer DI(HYDROXYETHYL)ETHER
5 water water
#
loop_
_entity_poly.entity_id
_entity_poly.type
_entity_poly.pdbx_seq_one_letter_code
_entity_poly.pdbx_strand_id
1 'polypeptide(L)'
;(PCA)VQLKQWGAGLVKPSETLSLTCTVHGDTLSDYSWNWGVSRSDYYWSWIRQPPGKGLEWIGEINRSGSTQYHPSLKS
RVKIVIEVSKNQFSLELSSVTAADTAVYYCARGRRSRQWIGDLPPGNHGLDVWGQGIPVSVSSASTKGPSVFPLAPSSKS
TSGGTAALGCLVKDYFPEPVTVSWNSGALTSGVHTFPAVLQSSGLYSLSSVVTVPSSSLGTQTYICNVNHKPSNTKVDKR
VEPKSCD
;
H
2 'polypeptide(L)'
;VHEIVLTQSPGTLSLSPGERATLSCRASQSVSSSYLAWYQHKPGQAPRLLISDVYRRATGVPDRFSASGSGTDFTLTISR
LEPEDFAVYYCQQYGISSPFNFGQGTKVDIKRTVAAPSVFIFPPSDEQLKSGTASVVCLLNNFYPREAKVQWKVDNALQS
GNSQESVTEQDSKDSTYSLSSTLTLSKADYEKHKVYACEVTHQGLSSPVTKSFNRGEC
;
L
#
# COMPACT_ATOMS: atom_id res chain seq x y z
N VAL A 2 0.10 4.73 -26.78
CA VAL A 2 0.73 5.74 -25.96
C VAL A 2 1.15 5.12 -24.60
N GLN A 3 2.35 5.46 -24.17
CA GLN A 3 2.90 5.06 -22.88
C GLN A 3 3.53 6.27 -22.21
N LEU A 4 3.60 6.22 -20.89
CA LEU A 4 4.23 7.25 -20.10
C LEU A 4 5.42 6.64 -19.38
N LYS A 5 6.60 7.22 -19.57
CA LYS A 5 7.82 6.77 -18.91
C LYS A 5 8.12 7.71 -17.76
N GLN A 6 8.18 7.16 -16.53
CA GLN A 6 8.41 7.96 -15.34
C GLN A 6 9.87 8.00 -14.95
N TRP A 7 10.30 9.20 -14.53
CA TRP A 7 11.65 9.36 -14.00
C TRP A 7 11.68 10.47 -12.95
N GLY A 8 12.86 10.71 -12.42
CA GLY A 8 12.97 11.58 -11.26
C GLY A 8 13.33 10.78 -10.03
N ALA A 9 14.01 11.45 -9.10
N ALA A 9 13.98 11.45 -9.07
CA ALA A 9 14.42 10.83 -7.84
CA ALA A 9 14.46 10.79 -7.87
C ALA A 9 13.25 10.73 -6.88
C ALA A 9 13.32 10.42 -6.93
N GLY A 10 12.96 9.51 -6.43
N GLY A 10 13.42 9.22 -6.34
CA GLY A 10 11.96 9.32 -5.41
CA GLY A 10 12.43 8.74 -5.37
C GLY A 10 12.42 9.66 -4.00
C GLY A 10 12.74 9.07 -3.93
N LEU A 11 13.71 9.80 -3.76
N LEU A 11 13.98 9.44 -3.62
CA LEU A 11 14.26 9.99 -2.42
CA LEU A 11 14.28 9.87 -2.26
C LEU A 11 14.34 11.49 -2.18
C LEU A 11 14.16 11.41 -2.18
N VAL A 12 13.55 11.99 -1.22
N VAL A 12 13.57 11.91 -1.09
CA VAL A 12 13.52 13.42 -0.88
CA VAL A 12 13.52 13.36 -0.87
C VAL A 12 13.73 13.55 0.61
C VAL A 12 13.60 13.65 0.62
N LYS A 13 14.52 14.51 1.01
CA LYS A 13 14.67 14.78 2.44
C LYS A 13 13.48 15.62 2.94
N PRO A 14 13.08 15.43 4.20
CA PRO A 14 12.03 16.26 4.79
C PRO A 14 12.34 17.75 4.59
N SER A 15 11.31 18.48 4.18
CA SER A 15 11.20 19.92 3.93
C SER A 15 11.69 20.26 2.52
N GLU A 16 12.31 19.34 1.81
CA GLU A 16 12.85 19.67 0.48
C GLU A 16 11.78 19.38 -0.57
N THR A 17 12.14 19.55 -1.84
CA THR A 17 11.19 19.48 -2.97
C THR A 17 11.33 18.17 -3.73
N LEU A 18 10.21 17.51 -3.91
CA LEU A 18 10.10 16.38 -4.83
C LEU A 18 9.99 16.87 -6.25
N SER A 19 10.80 16.32 -7.17
N SER A 19 10.82 16.35 -7.14
CA SER A 19 10.72 16.63 -8.60
CA SER A 19 10.71 16.61 -8.57
C SER A 19 10.65 15.36 -9.45
C SER A 19 10.57 15.28 -9.29
N LEU A 20 9.51 15.16 -10.11
CA LEU A 20 9.29 14.00 -10.96
C LEU A 20 8.92 14.47 -12.35
N THR A 21 9.33 13.67 -13.34
CA THR A 21 9.06 13.99 -14.74
C THR A 21 8.50 12.76 -15.44
N CYS A 22 7.57 12.97 -16.36
N CYS A 22 7.70 12.99 -16.49
CA CYS A 22 7.20 11.91 -17.27
CA CYS A 22 7.00 11.96 -17.26
C CYS A 22 7.47 12.35 -18.70
C CYS A 22 7.17 12.27 -18.76
N THR A 23 7.86 11.37 -19.51
CA THR A 23 8.01 11.56 -20.95
C THR A 23 6.91 10.76 -21.64
N VAL A 24 6.25 11.41 -22.59
CA VAL A 24 5.20 10.78 -23.38
C VAL A 24 5.85 10.03 -24.55
N HIS A 25 5.45 8.77 -24.74
CA HIS A 25 5.88 7.97 -25.88
C HIS A 25 4.69 7.56 -26.72
N GLY A 26 4.88 7.55 -28.05
CA GLY A 26 3.81 7.14 -28.93
C GLY A 26 2.86 8.25 -29.30
N ASP A 27 3.14 9.48 -28.89
CA ASP A 27 2.40 10.66 -29.25
C ASP A 27 3.36 11.81 -29.06
N THR A 28 2.98 13.01 -29.59
CA THR A 28 3.79 14.19 -29.35
C THR A 28 2.95 15.37 -28.87
N LEU A 29 3.50 16.15 -27.96
CA LEU A 29 2.76 17.29 -27.44
C LEU A 29 2.67 18.46 -28.43
N SER A 30 3.65 18.66 -29.30
CA SER A 30 3.69 19.85 -30.16
C SER A 30 2.94 19.66 -31.47
N ASP A 31 2.29 18.53 -31.68
CA ASP A 31 1.58 18.30 -32.94
C ASP A 31 0.17 18.85 -32.78
N TYR A 32 -0.08 20.00 -33.42
CA TYR A 32 -1.39 20.62 -33.33
C TYR A 32 -2.32 20.14 -34.44
N SER A 33 -1.91 19.21 -35.29
CA SER A 33 -2.87 18.66 -36.26
C SER A 33 -3.95 17.86 -35.52
N TRP A 34 -5.13 17.82 -36.14
CA TRP A 34 -6.25 17.00 -35.68
C TRP A 34 -6.91 16.46 -36.93
N ASN A 35 -6.49 15.25 -37.32
CA ASN A 35 -6.94 14.63 -38.55
C ASN A 35 -7.90 13.47 -38.34
N TRP A 36 -7.93 12.89 -37.16
CA TRP A 36 -8.81 11.77 -36.90
C TRP A 36 -8.86 11.62 -35.39
N GLY A 37 -9.90 10.94 -34.91
CA GLY A 37 -10.01 10.66 -33.46
C GLY A 37 -10.18 11.92 -32.63
N VAL A 38 -9.56 11.98 -31.45
CA VAL A 38 -9.69 13.19 -30.65
C VAL A 38 -8.46 14.04 -30.79
N SER A 39 -8.69 15.32 -30.61
CA SER A 39 -7.58 16.27 -30.61
C SER A 39 -6.66 16.07 -29.41
N ARG A 40 -5.35 16.20 -29.66
CA ARG A 40 -4.41 16.18 -28.55
C ARG A 40 -4.64 17.32 -27.59
N SER A 41 -5.40 18.33 -28.00
CA SER A 41 -5.77 19.38 -27.05
C SER A 41 -6.65 18.90 -25.91
N ASP A 42 -7.26 17.70 -26.04
CA ASP A 42 -8.18 17.18 -25.03
C ASP A 42 -7.47 16.25 -24.03
N TYR A 43 -6.17 16.18 -24.06
CA TYR A 43 -5.38 15.42 -23.06
C TYR A 43 -4.93 16.32 -21.93
N TYR A 44 -5.08 15.81 -20.70
CA TYR A 44 -4.72 16.52 -19.48
C TYR A 44 -3.71 15.66 -18.73
N TRP A 45 -2.47 16.13 -18.70
CA TRP A 45 -1.34 15.33 -18.19
C TRP A 45 -1.30 15.49 -16.70
N SER A 46 -1.48 14.37 -16.00
CA SER A 46 -1.95 14.41 -14.62
C SER A 46 -1.02 13.65 -13.67
N TRP A 47 -1.14 13.99 -12.39
CA TRP A 47 -0.41 13.31 -11.33
C TRP A 47 -1.38 12.80 -10.28
N ILE A 48 -1.14 11.57 -9.81
CA ILE A 48 -1.97 10.88 -8.82
C ILE A 48 -1.03 10.23 -7.85
N ARG A 49 -1.32 10.21 -6.55
CA ARG A 49 -0.43 9.45 -5.68
C ARG A 49 -1.25 8.50 -4.81
N GLN A 50 -0.57 7.51 -4.23
CA GLN A 50 -1.18 6.59 -3.27
C GLN A 50 -0.24 6.45 -2.08
N PRO A 51 -0.54 7.10 -0.95
CA PRO A 51 0.28 6.91 0.24
C PRO A 51 -0.01 5.54 0.83
N PRO A 52 0.89 5.01 1.64
CA PRO A 52 0.67 3.68 2.24
C PRO A 52 -0.59 3.66 3.08
N GLY A 53 -1.43 2.66 2.85
CA GLY A 53 -2.65 2.51 3.61
C GLY A 53 -3.75 3.46 3.25
N LYS A 54 -3.56 4.28 2.22
CA LYS A 54 -4.59 5.20 1.75
C LYS A 54 -4.94 4.87 0.30
N GLY A 55 -5.98 5.53 -0.18
CA GLY A 55 -6.45 5.31 -1.53
C GLY A 55 -5.74 6.23 -2.50
N LEU A 56 -6.28 6.28 -3.71
CA LEU A 56 -5.75 7.14 -4.75
C LEU A 56 -6.13 8.61 -4.50
N GLU A 57 -5.20 9.51 -4.74
CA GLU A 57 -5.36 10.96 -4.51
C GLU A 57 -4.98 11.69 -5.79
N TRP A 58 -5.88 12.53 -6.32
CA TRP A 58 -5.60 13.33 -7.52
C TRP A 58 -4.85 14.59 -7.13
N ILE A 59 -3.65 14.77 -7.66
CA ILE A 59 -2.78 15.89 -7.31
C ILE A 59 -3.07 17.10 -8.20
N GLY A 60 -3.15 16.89 -9.51
CA GLY A 60 -3.40 17.99 -10.42
C GLY A 60 -3.07 17.59 -11.84
N GLU A 61 -3.15 18.57 -12.72
CA GLU A 61 -2.99 18.30 -14.14
C GLU A 61 -2.48 19.56 -14.86
N ILE A 62 -2.01 19.34 -16.08
CA ILE A 62 -1.65 20.44 -16.98
C ILE A 62 -2.03 20.06 -18.39
N ASN A 63 -2.50 21.05 -19.15
CA ASN A 63 -2.73 20.93 -20.59
C ASN A 63 -1.57 21.58 -21.36
N ARG A 64 -1.40 21.19 -22.65
CA ARG A 64 -0.34 21.84 -23.41
C ARG A 64 -0.59 23.34 -23.65
N SER A 65 -1.82 23.83 -23.39
CA SER A 65 -2.06 25.26 -23.30
C SER A 65 -1.30 25.95 -22.19
N GLY A 66 -0.80 25.19 -21.20
CA GLY A 66 -0.17 25.75 -20.03
C GLY A 66 -1.11 25.83 -18.86
N SER A 67 -2.41 25.64 -19.07
CA SER A 67 -3.35 25.71 -17.95
C SER A 67 -3.29 24.52 -17.00
N THR A 68 -3.23 24.84 -15.72
CA THR A 68 -3.17 23.84 -14.64
C THR A 68 -4.44 23.84 -13.81
N GLN A 69 -4.69 22.70 -13.15
CA GLN A 69 -5.64 22.64 -12.05
C GLN A 69 -4.98 21.78 -10.99
N TYR A 70 -5.13 22.19 -9.73
CA TYR A 70 -4.46 21.57 -8.59
C TYR A 70 -5.44 21.21 -7.49
N HIS A 71 -5.14 20.12 -6.78
N HIS A 71 -5.11 20.14 -6.77
CA HIS A 71 -5.97 19.80 -5.62
CA HIS A 71 -5.92 19.78 -5.59
C HIS A 71 -5.72 20.83 -4.53
C HIS A 71 -5.85 20.93 -4.58
N PRO A 72 -6.77 21.48 -4.02
N PRO A 72 -6.99 21.41 -4.08
CA PRO A 72 -6.57 22.53 -2.99
CA PRO A 72 -6.93 22.54 -3.13
C PRO A 72 -5.92 22.03 -1.73
C PRO A 72 -6.15 22.22 -1.88
N SER A 73 -5.95 20.74 -1.44
N SER A 73 -6.12 20.96 -1.43
CA SER A 73 -5.29 20.30 -0.21
CA SER A 73 -5.42 20.62 -0.18
C SER A 73 -3.79 20.49 -0.30
C SER A 73 -3.93 20.89 -0.28
N LEU A 74 -3.25 20.69 -1.52
N LEU A 74 -3.35 20.75 -1.48
CA LEU A 74 -1.83 20.83 -1.81
CA LEU A 74 -1.91 20.87 -1.59
C LEU A 74 -1.51 22.12 -2.54
C LEU A 74 -1.46 22.31 -1.42
N LYS A 75 -2.48 22.94 -2.81
N LYS A 75 -2.39 23.25 -1.39
CA LYS A 75 -2.21 23.90 -3.85
CA LYS A 75 -2.15 24.68 -1.22
C LYS A 75 -1.30 25.04 -3.36
C LYS A 75 -1.11 25.13 -2.23
N SER A 76 -0.93 25.05 -2.06
N SER A 76 -0.09 25.87 -1.83
CA SER A 76 0.14 25.89 -1.51
CA SER A 76 0.90 26.37 -2.76
C SER A 76 1.55 25.41 -1.84
C SER A 76 2.12 25.46 -2.86
N ARG A 77 1.72 24.12 -2.23
N ARG A 77 2.06 24.27 -2.29
CA ARG A 77 3.04 23.49 -2.34
CA ARG A 77 3.15 23.30 -2.34
C ARG A 77 3.31 22.82 -3.68
C ARG A 77 3.29 22.65 -3.68
N VAL A 78 2.32 22.76 -4.58
CA VAL A 78 2.36 21.95 -5.78
C VAL A 78 2.52 22.87 -6.98
N LYS A 79 3.39 22.47 -7.91
CA LYS A 79 3.50 23.06 -9.23
C LYS A 79 3.61 21.95 -10.24
N ILE A 80 2.96 22.11 -11.38
CA ILE A 80 3.06 21.20 -12.50
C ILE A 80 3.42 22.04 -13.70
N VAL A 81 4.40 21.55 -14.49
CA VAL A 81 4.90 22.29 -15.63
C VAL A 81 4.95 21.33 -16.82
N ILE A 82 4.95 21.92 -18.02
CA ILE A 82 4.98 21.11 -19.24
C ILE A 82 6.02 21.71 -20.18
N GLU A 83 6.75 20.85 -20.86
N GLU A 83 6.79 20.84 -20.81
CA GLU A 83 7.76 21.28 -21.83
CA GLU A 83 7.76 21.21 -21.85
C GLU A 83 7.39 20.64 -23.17
C GLU A 83 7.27 20.57 -23.13
N VAL A 84 6.54 21.37 -23.90
CA VAL A 84 5.92 20.87 -25.12
C VAL A 84 6.95 20.34 -26.13
N SER A 85 8.05 21.07 -26.32
CA SER A 85 9.10 20.68 -27.26
C SER A 85 9.81 19.38 -26.86
N LYS A 86 9.76 19.01 -25.59
CA LYS A 86 10.49 17.83 -25.09
C LYS A 86 9.55 16.68 -24.80
N ASN A 87 8.24 16.87 -25.01
N ASN A 87 8.25 16.83 -25.07
CA ASN A 87 7.27 15.80 -24.78
CA ASN A 87 7.25 15.76 -24.84
C ASN A 87 7.18 15.40 -23.31
C ASN A 87 7.33 15.23 -23.40
N GLN A 88 7.42 16.35 -22.42
N GLN A 88 7.45 16.15 -22.44
CA GLN A 88 7.60 16.05 -21.02
CA GLN A 88 7.49 15.78 -21.03
C GLN A 88 6.69 16.90 -20.18
C GLN A 88 6.76 16.81 -20.20
N PHE A 89 6.36 16.38 -19.00
CA PHE A 89 5.74 17.24 -18.00
C PHE A 89 6.18 16.78 -16.62
N SER A 90 6.11 17.70 -15.67
CA SER A 90 6.77 17.50 -14.37
C SER A 90 5.88 17.93 -13.21
N LEU A 91 6.18 17.34 -12.05
CA LEU A 91 5.54 17.62 -10.76
C LEU A 91 6.63 18.12 -9.83
N GLU A 92 6.41 19.25 -9.15
CA GLU A 92 7.26 19.73 -8.07
C GLU A 92 6.38 19.86 -6.86
N LEU A 93 6.72 19.16 -5.76
CA LEU A 93 5.96 19.23 -4.53
C LEU A 93 6.94 19.69 -3.46
N SER A 94 6.69 20.86 -2.90
N SER A 94 6.72 20.87 -2.91
CA SER A 94 7.66 21.45 -1.98
CA SER A 94 7.70 21.46 -1.99
C SER A 94 7.33 21.19 -0.51
C SER A 94 7.34 21.21 -0.53
N SER A 95 8.30 21.46 0.36
CA SER A 95 8.13 21.32 1.81
C SER A 95 7.60 19.95 2.19
N VAL A 96 8.19 18.89 1.66
CA VAL A 96 7.61 17.56 1.93
C VAL A 96 7.76 17.14 3.39
N THR A 97 6.84 16.28 3.81
CA THR A 97 6.89 15.63 5.12
C THR A 97 6.65 14.15 4.91
N ALA A 98 6.69 13.40 6.03
CA ALA A 98 6.41 11.97 5.92
C ALA A 98 5.02 11.67 5.37
N ALA A 99 4.09 12.60 5.44
CA ALA A 99 2.77 12.36 4.83
C ALA A 99 2.83 12.33 3.29
N ASP A 100 3.96 12.77 2.71
CA ASP A 100 4.08 12.77 1.25
C ASP A 100 4.75 11.50 0.69
N THR A 101 5.21 10.61 1.58
CA THR A 101 5.65 9.29 1.14
C THR A 101 4.50 8.57 0.47
N ALA A 102 4.72 8.10 -0.76
CA ALA A 102 3.62 7.56 -1.55
C ALA A 102 4.19 7.06 -2.87
N VAL A 103 3.42 6.23 -3.58
CA VAL A 103 3.73 5.98 -5.00
C VAL A 103 3.10 7.08 -5.83
N TYR A 104 3.89 7.72 -6.69
CA TYR A 104 3.40 8.82 -7.56
C TYR A 104 3.32 8.36 -9.00
N TYR A 105 2.11 8.43 -9.57
CA TYR A 105 1.85 8.08 -10.96
C TYR A 105 1.57 9.32 -11.78
N CYS A 106 2.06 9.30 -13.00
CA CYS A 106 1.51 10.23 -13.98
C CYS A 106 0.52 9.47 -14.85
N ALA A 107 -0.41 10.24 -15.45
CA ALA A 107 -1.46 9.61 -16.23
C ALA A 107 -1.97 10.60 -17.27
N ARG A 108 -2.53 10.04 -18.34
CA ARG A 108 -3.26 10.83 -19.35
C ARG A 108 -4.75 10.88 -19.04
N GLY A 109 -5.24 12.07 -18.76
CA GLY A 109 -6.65 12.33 -18.59
C GLY A 109 -7.22 12.76 -19.95
N ARG A 110 -8.47 12.39 -20.20
CA ARG A 110 -9.10 12.71 -21.49
C ARG A 110 -10.43 13.38 -21.28
N ARG A 111 -10.65 14.53 -21.93
CA ARG A 111 -11.95 15.23 -21.82
C ARG A 111 -12.28 15.73 -23.23
N SER A 112 -13.09 14.93 -23.95
CA SER A 112 -13.50 15.31 -25.31
C SER A 112 -15.00 15.37 -25.41
N ARG A 113 -15.45 16.36 -26.19
CA ARG A 113 -16.87 16.37 -26.65
C ARG A 113 -16.98 16.46 -28.15
N GLN A 114 -15.88 16.47 -28.85
CA GLN A 114 -15.85 16.43 -30.30
C GLN A 114 -14.80 15.44 -30.74
N TRP A 115 -15.01 14.80 -31.89
CA TRP A 115 -14.07 13.79 -32.38
C TRP A 115 -14.36 13.52 -33.85
N ILE A 116 -13.42 12.84 -34.49
N ILE A 116 -13.42 12.87 -34.53
CA ILE A 116 -13.51 12.47 -35.90
CA ILE A 116 -13.52 12.59 -35.97
C ILE A 116 -13.45 10.94 -35.98
C ILE A 116 -13.58 11.08 -36.19
N GLY A 117 -14.46 10.35 -36.64
N GLY A 117 -14.73 10.59 -36.67
CA GLY A 117 -14.59 8.90 -36.67
CA GLY A 117 -14.82 9.21 -37.09
C GLY A 117 -15.07 8.37 -35.32
C GLY A 117 -15.21 8.25 -35.97
N ASP A 118 -14.51 7.24 -34.91
N ASP A 118 -14.38 8.15 -34.93
CA ASP A 118 -14.89 6.66 -33.63
CA ASP A 118 -14.77 7.34 -33.80
C ASP A 118 -14.10 7.28 -32.48
C ASP A 118 -14.15 7.92 -32.55
N LEU A 119 -14.81 7.62 -31.42
CA LEU A 119 -14.26 8.07 -30.14
C LEU A 119 -13.62 6.90 -29.45
N PRO A 120 -12.29 6.85 -29.28
CA PRO A 120 -11.68 5.69 -28.62
C PRO A 120 -12.20 5.54 -27.20
N PRO A 121 -12.41 4.32 -26.76
CA PRO A 121 -12.77 4.09 -25.35
C PRO A 121 -11.81 4.80 -24.40
N GLY A 122 -12.32 5.20 -23.23
CA GLY A 122 -11.51 5.82 -22.21
C GLY A 122 -11.73 7.32 -22.06
N ASN A 123 -12.74 7.90 -22.69
CA ASN A 123 -13.00 9.33 -22.54
C ASN A 123 -13.51 9.64 -21.16
N HIS A 124 -13.23 10.88 -20.69
CA HIS A 124 -13.63 11.30 -19.33
C HIS A 124 -13.13 10.33 -18.24
N GLY A 125 -11.86 10.02 -18.39
CA GLY A 125 -11.14 9.21 -17.42
C GLY A 125 -9.65 9.38 -17.61
N LEU A 126 -8.92 8.78 -16.67
CA LEU A 126 -7.45 8.68 -16.74
C LEU A 126 -7.16 7.33 -17.39
N ASP A 127 -6.87 7.34 -18.72
CA ASP A 127 -6.88 6.08 -19.46
C ASP A 127 -5.51 5.44 -19.66
N VAL A 128 -4.41 6.19 -19.51
CA VAL A 128 -3.05 5.68 -19.66
C VAL A 128 -2.29 6.13 -18.43
N TRP A 129 -1.62 5.18 -17.80
CA TRP A 129 -0.89 5.41 -16.55
C TRP A 129 0.56 5.02 -16.73
N GLY A 130 1.43 5.84 -16.12
CA GLY A 130 2.80 5.40 -15.87
C GLY A 130 2.88 4.32 -14.78
N GLN A 131 4.07 3.74 -14.67
CA GLN A 131 4.20 2.63 -13.72
C GLN A 131 4.39 3.07 -12.29
N GLY A 132 4.54 4.37 -12.05
CA GLY A 132 4.70 4.88 -10.69
C GLY A 132 6.16 4.98 -10.27
N ILE A 133 6.43 5.98 -9.43
CA ILE A 133 7.71 6.14 -8.74
C ILE A 133 7.40 6.05 -7.25
N PRO A 134 7.97 5.09 -6.52
CA PRO A 134 7.87 5.10 -5.04
C PRO A 134 8.74 6.21 -4.46
N VAL A 135 8.11 7.13 -3.78
CA VAL A 135 8.76 8.28 -3.16
C VAL A 135 8.85 8.04 -1.68
N SER A 136 10.04 8.19 -1.14
N SER A 136 10.04 8.21 -1.11
N SER A 136 10.04 8.24 -1.12
CA SER A 136 10.32 8.01 0.28
CA SER A 136 10.31 7.99 0.30
CA SER A 136 10.31 7.99 0.29
C SER A 136 10.82 9.34 0.81
C SER A 136 10.89 9.26 0.90
C SER A 136 10.89 9.26 0.90
N VAL A 137 10.16 9.87 1.83
CA VAL A 137 10.63 11.10 2.48
C VAL A 137 11.47 10.69 3.70
N SER A 138 12.79 10.94 3.64
CA SER A 138 13.72 10.50 4.68
C SER A 138 15.01 11.27 4.55
N SER A 139 15.65 11.56 5.69
CA SER A 139 16.96 12.18 5.70
C SER A 139 18.10 11.16 5.61
N ALA A 140 17.79 9.88 5.50
CA ALA A 140 18.78 8.83 5.65
C ALA A 140 19.76 8.71 4.49
N SER A 141 20.94 8.18 4.82
CA SER A 141 21.93 7.69 3.86
C SER A 141 21.78 6.19 3.72
N THR A 142 22.37 5.62 2.66
CA THR A 142 22.38 4.16 2.53
C THR A 142 22.95 3.48 3.77
N LYS A 143 22.24 2.44 4.23
CA LYS A 143 22.61 1.77 5.47
C LYS A 143 22.09 0.33 5.42
N GLY A 144 22.94 -0.63 5.79
CA GLY A 144 22.50 -2.02 5.80
C GLY A 144 21.80 -2.32 7.11
N PRO A 145 20.98 -3.37 7.08
CA PRO A 145 20.21 -3.75 8.27
C PRO A 145 21.02 -4.46 9.33
N SER A 146 20.53 -4.33 10.57
CA SER A 146 20.86 -5.27 11.64
C SER A 146 19.80 -6.36 11.62
N VAL A 147 20.20 -7.61 11.86
CA VAL A 147 19.26 -8.72 11.83
C VAL A 147 19.25 -9.38 13.20
N PHE A 148 18.11 -9.34 13.85
CA PHE A 148 17.95 -9.85 15.19
C PHE A 148 16.99 -11.02 15.20
N PRO A 149 17.22 -12.00 16.07
CA PRO A 149 16.33 -13.15 16.12
C PRO A 149 15.04 -12.85 16.86
N LEU A 150 13.98 -13.49 16.37
CA LEU A 150 12.67 -13.58 17.07
C LEU A 150 12.58 -15.05 17.48
N ALA A 151 12.99 -15.32 18.70
CA ALA A 151 13.25 -16.71 19.09
C ALA A 151 12.07 -17.32 19.84
N PRO A 152 11.83 -18.62 19.57
CA PRO A 152 10.81 -19.34 20.34
C PRO A 152 11.30 -19.65 21.74
N SER A 153 10.37 -19.77 22.67
CA SER A 153 10.66 -20.04 24.08
C SER A 153 9.74 -21.14 24.56
N SER A 154 10.03 -21.69 25.73
N SER A 154 10.00 -21.64 25.77
CA SER A 154 9.19 -22.78 26.21
CA SER A 154 9.25 -22.76 26.32
C SER A 154 7.73 -22.37 26.29
C SER A 154 7.79 -22.41 26.63
N LYS A 155 7.47 -21.14 26.77
CA LYS A 155 6.09 -20.74 26.91
C LYS A 155 5.42 -20.63 25.53
N SER A 156 6.14 -20.15 24.52
CA SER A 156 5.48 -19.89 23.26
C SER A 156 5.27 -21.15 22.42
N THR A 157 5.96 -22.26 22.74
CA THR A 157 5.89 -23.45 21.88
C THR A 157 4.95 -24.51 22.42
N SER A 158 4.33 -24.26 23.58
CA SER A 158 3.66 -25.29 24.35
C SER A 158 2.34 -25.72 23.75
N GLY A 159 1.85 -25.05 22.70
CA GLY A 159 0.67 -25.57 22.01
C GLY A 159 0.96 -26.49 20.84
N GLY A 160 2.23 -26.77 20.55
CA GLY A 160 2.62 -27.68 19.47
C GLY A 160 3.11 -27.01 18.22
N THR A 161 2.92 -25.71 18.10
N THR A 161 2.86 -25.70 18.08
CA THR A 161 3.45 -24.96 16.99
CA THR A 161 3.42 -24.89 17.02
C THR A 161 4.38 -23.88 17.52
C THR A 161 4.45 -23.93 17.60
N ALA A 162 5.52 -23.72 16.85
CA ALA A 162 6.50 -22.71 17.20
C ALA A 162 6.53 -21.64 16.12
N ALA A 163 6.59 -20.40 16.56
CA ALA A 163 6.90 -19.30 15.65
C ALA A 163 8.31 -18.82 15.85
N LEU A 164 8.98 -18.47 14.77
N LEU A 164 9.05 -18.66 14.74
CA LEU A 164 10.31 -17.94 14.90
CA LEU A 164 10.40 -18.09 14.71
C LEU A 164 10.52 -17.01 13.72
C LEU A 164 10.39 -16.88 13.79
N GLY A 165 11.46 -16.07 13.85
CA GLY A 165 11.59 -15.06 12.82
C GLY A 165 12.89 -14.29 12.93
N CYS A 166 12.98 -13.29 12.04
N CYS A 166 13.01 -13.30 12.06
CA CYS A 166 14.08 -12.33 12.04
CA CYS A 166 14.12 -12.35 12.18
C CYS A 166 13.50 -10.94 11.96
C CYS A 166 13.58 -10.95 11.94
N LEU A 167 13.99 -10.07 12.83
CA LEU A 167 13.70 -8.65 12.75
C LEU A 167 14.83 -7.96 11.98
N VAL A 168 14.49 -7.36 10.83
CA VAL A 168 15.45 -6.79 9.89
C VAL A 168 15.30 -5.28 10.06
N LYS A 169 16.17 -4.68 10.84
N LYS A 169 16.23 -4.70 10.80
CA LYS A 169 15.88 -3.34 11.34
CA LYS A 169 16.05 -3.37 11.39
C LYS A 169 16.92 -2.31 10.94
C LYS A 169 16.98 -2.32 10.79
N ASP A 170 16.44 -1.11 10.58
CA ASP A 170 17.22 0.09 10.37
C ASP A 170 18.09 0.03 9.12
N TYR A 171 17.44 -0.13 7.97
CA TYR A 171 18.12 -0.14 6.70
C TYR A 171 17.54 0.93 5.80
N PHE A 172 18.31 1.28 4.75
CA PHE A 172 17.86 2.28 3.80
C PHE A 172 18.68 2.16 2.53
N PRO A 173 18.11 2.36 1.35
CA PRO A 173 16.70 2.42 1.00
C PRO A 173 16.13 1.04 0.87
N GLU A 174 14.88 0.93 0.43
CA GLU A 174 14.33 -0.35 0.04
C GLU A 174 15.08 -0.87 -1.19
N PRO A 175 15.06 -2.17 -1.43
CA PRO A 175 14.43 -3.26 -0.71
C PRO A 175 15.42 -4.15 -0.01
N VAL A 176 14.93 -4.98 0.90
N VAL A 176 14.89 -5.03 0.83
CA VAL A 176 15.64 -6.17 1.30
CA VAL A 176 15.59 -6.16 1.39
C VAL A 176 14.93 -7.38 0.70
C VAL A 176 14.87 -7.43 0.99
N THR A 177 15.65 -8.49 0.66
CA THR A 177 15.06 -9.79 0.43
C THR A 177 15.36 -10.69 1.62
N VAL A 178 14.41 -11.57 1.93
CA VAL A 178 14.55 -12.51 3.03
C VAL A 178 14.13 -13.89 2.55
N SER A 179 15.00 -14.88 2.76
CA SER A 179 14.62 -16.26 2.57
C SER A 179 14.92 -17.01 3.87
N TRP A 180 14.41 -18.25 3.93
CA TRP A 180 14.67 -19.14 5.06
C TRP A 180 15.33 -20.42 4.55
N ASN A 181 16.39 -20.84 5.24
CA ASN A 181 17.11 -22.06 4.90
C ASN A 181 17.46 -22.09 3.42
N SER A 182 18.00 -20.95 2.94
CA SER A 182 18.49 -20.78 1.58
C SER A 182 17.39 -21.02 0.56
N GLY A 183 16.17 -20.70 0.93
CA GLY A 183 15.03 -20.82 0.03
C GLY A 183 14.31 -22.16 0.13
N ALA A 184 14.82 -23.09 0.93
CA ALA A 184 14.14 -24.37 1.02
C ALA A 184 12.86 -24.26 1.82
N LEU A 185 12.78 -23.34 2.77
CA LEU A 185 11.64 -23.24 3.68
C LEU A 185 10.76 -22.08 3.18
N THR A 186 9.60 -22.44 2.61
CA THR A 186 8.64 -21.47 2.08
C THR A 186 7.27 -21.60 2.72
N SER A 187 6.91 -22.79 3.16
N SER A 187 6.86 -22.80 3.07
CA SER A 187 5.59 -23.02 3.73
CA SER A 187 5.54 -22.97 3.66
C SER A 187 5.47 -22.36 5.10
C SER A 187 5.50 -22.29 5.03
N GLY A 188 4.42 -21.55 5.26
CA GLY A 188 4.23 -20.89 6.55
C GLY A 188 5.09 -19.67 6.78
N VAL A 189 5.85 -19.23 5.81
CA VAL A 189 6.64 -18.03 5.95
C VAL A 189 5.76 -16.81 5.71
N HIS A 190 5.91 -15.76 6.52
CA HIS A 190 5.30 -14.48 6.23
C HIS A 190 6.37 -13.41 6.37
N THR A 191 6.68 -12.73 5.25
CA THR A 191 7.62 -11.60 5.33
C THR A 191 6.79 -10.36 5.19
N PHE A 192 6.76 -9.54 6.26
CA PHE A 192 5.84 -8.41 6.30
C PHE A 192 6.34 -7.24 5.45
N PRO A 193 5.45 -6.41 4.95
CA PRO A 193 5.93 -5.17 4.32
C PRO A 193 6.75 -4.31 5.27
N ALA A 194 7.76 -3.66 4.72
CA ALA A 194 8.57 -2.75 5.52
C ALA A 194 7.77 -1.52 5.96
N VAL A 195 8.15 -0.98 7.12
N VAL A 195 8.14 -1.01 7.14
CA VAL A 195 7.61 0.29 7.60
CA VAL A 195 7.66 0.27 7.67
C VAL A 195 8.75 1.30 7.67
C VAL A 195 8.81 1.27 7.56
N LEU A 196 8.49 2.50 7.16
CA LEU A 196 9.46 3.59 7.23
C LEU A 196 9.28 4.25 8.57
N GLN A 197 10.22 4.02 9.48
CA GLN A 197 10.12 4.49 10.85
C GLN A 197 10.35 6.00 10.94
N SER A 198 10.01 6.58 12.10
CA SER A 198 10.16 8.02 12.26
C SER A 198 11.62 8.45 12.18
N SER A 199 12.54 7.50 12.41
CA SER A 199 13.97 7.76 12.22
C SER A 199 14.33 7.96 10.76
N GLY A 200 13.47 7.57 9.84
CA GLY A 200 13.81 7.66 8.44
C GLY A 200 14.41 6.39 7.93
N LEU A 201 14.51 5.37 8.75
CA LEU A 201 15.01 4.07 8.32
C LEU A 201 13.88 3.05 8.26
N TYR A 202 14.04 2.02 7.41
CA TYR A 202 13.06 0.94 7.31
C TYR A 202 13.30 -0.17 8.30
N SER A 203 12.22 -0.91 8.56
N SER A 203 12.23 -0.89 8.63
N SER A 203 12.24 -0.91 8.59
CA SER A 203 12.25 -2.10 9.38
CA SER A 203 12.33 -2.13 9.39
CA SER A 203 12.34 -2.13 9.37
C SER A 203 11.19 -3.06 8.87
C SER A 203 11.20 -3.05 8.97
C SER A 203 11.19 -3.05 8.99
N LEU A 204 11.46 -4.35 9.03
CA LEU A 204 10.42 -5.34 8.81
C LEU A 204 10.78 -6.57 9.62
N SER A 205 9.80 -7.44 9.77
CA SER A 205 10.06 -8.78 10.28
C SER A 205 9.62 -9.83 9.28
N SER A 206 10.31 -10.97 9.33
CA SER A 206 9.92 -12.17 8.62
C SER A 206 9.77 -13.29 9.63
N VAL A 207 8.64 -14.01 9.56
CA VAL A 207 8.37 -15.09 10.51
C VAL A 207 8.01 -16.37 9.78
N VAL A 208 8.11 -17.48 10.51
CA VAL A 208 7.65 -18.75 9.98
C VAL A 208 7.09 -19.51 11.17
N THR A 209 6.05 -20.29 10.93
CA THR A 209 5.59 -21.26 11.94
C THR A 209 5.88 -22.69 11.50
N VAL A 210 6.29 -23.50 12.48
CA VAL A 210 6.72 -24.87 12.25
C VAL A 210 6.24 -25.72 13.42
N PRO A 211 6.20 -27.04 13.27
CA PRO A 211 5.88 -27.87 14.44
C PRO A 211 6.95 -27.66 15.52
N SER A 212 6.49 -27.55 16.78
CA SER A 212 7.46 -27.32 17.86
C SER A 212 8.55 -28.39 17.89
N SER A 213 8.19 -29.64 17.61
N SER A 213 8.17 -29.65 17.64
CA SER A 213 9.21 -30.69 17.69
CA SER A 213 9.16 -30.73 17.68
C SER A 213 10.35 -30.45 16.68
C SER A 213 10.25 -30.57 16.64
N SER A 214 10.06 -29.83 15.54
N SER A 214 10.00 -29.77 15.62
CA SER A 214 11.13 -29.61 14.57
CA SER A 214 11.01 -29.59 14.59
C SER A 214 12.18 -28.65 15.06
C SER A 214 12.19 -28.81 15.14
N LEU A 215 11.96 -27.99 16.19
CA LEU A 215 13.05 -27.21 16.79
C LEU A 215 14.18 -28.11 17.27
N GLY A 216 13.91 -29.41 17.53
CA GLY A 216 14.91 -30.34 17.99
C GLY A 216 15.66 -31.03 16.87
N THR A 217 15.18 -30.93 15.65
CA THR A 217 15.71 -31.73 14.54
C THR A 217 16.02 -30.91 13.30
N GLN A 218 15.66 -29.64 13.25
CA GLN A 218 15.85 -28.81 12.09
C GLN A 218 16.44 -27.47 12.50
N THR A 219 17.50 -27.05 11.83
N THR A 219 17.50 -27.05 11.82
CA THR A 219 18.08 -25.71 11.99
CA THR A 219 18.01 -25.69 11.96
C THR A 219 17.32 -24.70 11.13
C THR A 219 17.13 -24.72 11.19
N TYR A 220 17.11 -23.49 11.66
CA TYR A 220 16.40 -22.41 10.98
C TYR A 220 17.30 -21.20 10.87
N ILE A 221 17.54 -20.78 9.63
CA ILE A 221 18.44 -19.67 9.31
C ILE A 221 17.68 -18.71 8.39
N CYS A 222 17.62 -17.43 8.76
N CYS A 222 17.73 -17.41 8.70
CA CYS A 222 17.12 -16.45 7.80
CA CYS A 222 17.09 -16.36 7.89
C CYS A 222 18.29 -15.86 7.01
C CYS A 222 18.16 -15.61 7.09
N ASN A 223 18.06 -15.68 5.73
CA ASN A 223 19.07 -15.16 4.81
C ASN A 223 18.58 -13.79 4.33
N VAL A 224 19.31 -12.76 4.69
CA VAL A 224 18.89 -11.38 4.43
C VAL A 224 19.88 -10.74 3.48
N ASN A 225 19.39 -10.10 2.43
N ASN A 225 19.39 -10.17 2.39
CA ASN A 225 20.24 -9.44 1.45
CA ASN A 225 20.22 -9.44 1.45
C ASN A 225 19.75 -8.02 1.23
C ASN A 225 19.72 -7.99 1.34
N HIS A 226 20.66 -7.05 1.37
CA HIS A 226 20.36 -5.63 1.12
C HIS A 226 21.33 -5.18 0.05
N LYS A 227 20.87 -5.26 -1.20
CA LYS A 227 21.78 -4.92 -2.31
C LYS A 227 22.32 -3.50 -2.24
N PRO A 228 21.54 -2.47 -1.86
CA PRO A 228 22.10 -1.10 -1.90
C PRO A 228 23.35 -0.92 -1.08
N SER A 229 23.50 -1.64 0.03
CA SER A 229 24.65 -1.53 0.87
C SER A 229 25.62 -2.69 0.71
N ASN A 230 25.35 -3.62 -0.22
CA ASN A 230 26.17 -4.84 -0.37
C ASN A 230 26.25 -5.62 0.92
N THR A 231 25.14 -5.70 1.65
CA THR A 231 25.06 -6.41 2.92
C THR A 231 24.34 -7.75 2.70
N LYS A 232 24.99 -8.83 3.13
CA LYS A 232 24.35 -10.13 3.19
C LYS A 232 24.56 -10.70 4.58
N VAL A 233 23.45 -11.12 5.20
N VAL A 233 23.50 -11.16 5.22
CA VAL A 233 23.44 -11.68 6.56
CA VAL A 233 23.66 -11.69 6.58
C VAL A 233 22.75 -13.03 6.53
C VAL A 233 22.73 -12.87 6.77
N ASP A 234 23.31 -13.97 7.26
CA ASP A 234 22.61 -15.22 7.59
C ASP A 234 22.52 -15.27 9.11
N LYS A 235 21.33 -15.38 9.63
CA LYS A 235 21.16 -15.40 11.08
C LYS A 235 20.47 -16.69 11.50
N ARG A 236 21.15 -17.52 12.29
CA ARG A 236 20.55 -18.72 12.87
C ARG A 236 19.65 -18.31 14.01
N VAL A 237 18.42 -18.80 14.02
CA VAL A 237 17.44 -18.46 15.06
C VAL A 237 17.25 -19.69 15.90
N GLU A 238 17.68 -19.61 17.15
CA GLU A 238 17.75 -20.73 18.09
C GLU A 238 16.69 -20.61 19.17
N PRO A 239 16.17 -21.73 19.66
CA PRO A 239 15.28 -21.66 20.82
C PRO A 239 16.00 -20.94 21.95
N LYS A 240 15.29 -20.06 22.66
CA LYS A 240 15.92 -19.20 23.65
C LYS A 240 15.67 -19.77 25.04
N SER A 241 16.76 -20.14 25.69
CA SER A 241 16.76 -20.47 27.11
C SER A 241 16.54 -19.23 27.95
N VAL B 1 -17.98 23.36 1.12
N VAL B 1 -18.08 24.20 1.05
CA VAL B 1 -16.74 23.25 0.36
CA VAL B 1 -16.89 23.63 0.38
C VAL B 1 -16.97 23.50 -1.13
C VAL B 1 -16.94 23.86 -1.16
N HIS B 2 -15.85 23.50 -1.85
CA HIS B 2 -15.79 23.72 -3.29
C HIS B 2 -15.34 22.47 -4.00
N GLU B 3 -15.51 21.29 -3.37
CA GLU B 3 -15.18 20.03 -4.02
C GLU B 3 -16.29 18.98 -3.81
N ILE B 4 -16.34 18.01 -4.72
CA ILE B 4 -17.20 16.83 -4.64
C ILE B 4 -16.42 15.68 -4.03
N VAL B 5 -17.01 14.99 -3.06
N VAL B 5 -16.91 15.08 -2.96
CA VAL B 5 -16.39 13.85 -2.38
CA VAL B 5 -16.20 13.96 -2.34
C VAL B 5 -17.20 12.60 -2.70
C VAL B 5 -17.05 12.72 -2.45
N LEU B 6 -16.53 11.45 -2.82
N LEU B 6 -16.40 11.61 -2.72
CA LEU B 6 -17.21 10.20 -3.15
CA LEU B 6 -17.07 10.35 -3.01
C LEU B 6 -16.93 9.16 -2.07
C LEU B 6 -16.73 9.39 -1.89
N THR B 7 -18.00 8.52 -1.60
N THR B 7 -17.75 8.62 -1.49
CA THR B 7 -17.87 7.56 -0.51
CA THR B 7 -17.64 7.58 -0.50
C THR B 7 -18.29 6.20 -1.02
C THR B 7 -18.12 6.29 -1.14
N GLN B 8 -17.38 5.22 -0.91
CA GLN B 8 -17.67 3.90 -1.43
C GLN B 8 -18.15 2.95 -0.33
N SER B 9 -18.93 1.96 -0.73
N SER B 9 -18.90 1.95 -0.74
N SER B 9 -18.90 1.93 -0.73
CA SER B 9 -19.40 0.92 0.19
CA SER B 9 -19.47 0.93 0.14
CA SER B 9 -19.41 0.93 0.21
C SER B 9 -19.52 -0.39 -0.58
C SER B 9 -19.51 -0.40 -0.60
C SER B 9 -19.61 -0.38 -0.53
N PRO B 10 -19.32 -1.53 0.11
CA PRO B 10 -18.82 -1.60 1.48
C PRO B 10 -17.30 -1.32 1.49
N GLY B 11 -16.66 -1.24 2.66
CA GLY B 11 -15.21 -1.11 2.66
C GLY B 11 -14.52 -2.34 2.11
N THR B 12 -15.00 -3.53 2.50
CA THR B 12 -14.49 -4.79 1.99
C THR B 12 -15.67 -5.65 1.61
N LEU B 13 -15.63 -6.19 0.41
CA LEU B 13 -16.63 -7.13 -0.07
C LEU B 13 -15.98 -8.50 -0.16
N SER B 14 -16.53 -9.50 0.55
CA SER B 14 -15.88 -10.82 0.65
C SER B 14 -16.70 -11.84 -0.11
N LEU B 15 -16.15 -12.39 -1.20
CA LEU B 15 -16.92 -13.24 -2.11
C LEU B 15 -16.06 -14.36 -2.65
N SER B 16 -16.71 -15.30 -3.34
CA SER B 16 -16.04 -16.45 -3.92
C SER B 16 -15.96 -16.29 -5.43
N PRO B 17 -14.94 -16.84 -6.07
CA PRO B 17 -14.93 -16.89 -7.53
C PRO B 17 -16.25 -17.43 -8.06
N GLY B 18 -16.75 -16.77 -9.10
CA GLY B 18 -17.99 -17.15 -9.73
C GLY B 18 -19.20 -16.36 -9.25
N GLU B 19 -19.09 -15.66 -8.13
CA GLU B 19 -20.20 -14.88 -7.63
C GLU B 19 -20.26 -13.49 -8.25
N ARG B 20 -21.45 -12.88 -8.15
CA ARG B 20 -21.68 -11.50 -8.59
C ARG B 20 -21.23 -10.51 -7.51
N ALA B 21 -20.49 -9.48 -7.91
CA ALA B 21 -20.05 -8.45 -6.97
C ALA B 21 -20.73 -7.14 -7.35
N THR B 22 -21.26 -6.44 -6.36
CA THR B 22 -21.95 -5.15 -6.53
C THR B 22 -21.25 -4.16 -5.64
N LEU B 23 -20.62 -3.13 -6.24
CA LEU B 23 -19.86 -2.13 -5.53
C LEU B 23 -20.58 -0.80 -5.65
N SER B 24 -20.69 -0.05 -4.55
CA SER B 24 -21.45 1.20 -4.55
C SER B 24 -20.56 2.42 -4.35
N CYS B 25 -20.97 3.54 -4.95
CA CYS B 25 -20.30 4.81 -4.83
C CYS B 25 -21.35 5.87 -4.65
N ARG B 26 -21.24 6.68 -3.59
CA ARG B 26 -22.15 7.80 -3.38
C ARG B 26 -21.36 9.11 -3.45
N ALA B 27 -21.75 10.01 -4.38
CA ALA B 27 -21.10 11.31 -4.46
C ALA B 27 -21.83 12.33 -3.58
N SER B 28 -21.07 13.33 -3.10
CA SER B 28 -21.66 14.31 -2.19
C SER B 28 -22.53 15.31 -2.91
N GLN B 29 -22.42 15.35 -4.23
CA GLN B 29 -23.19 16.22 -5.10
C GLN B 29 -23.54 15.41 -6.33
N SER B 30 -24.61 15.84 -7.03
N SER B 30 -24.60 15.84 -7.04
CA SER B 30 -24.97 15.13 -8.25
CA SER B 30 -24.98 15.17 -8.27
C SER B 30 -23.86 15.23 -9.28
C SER B 30 -23.86 15.23 -9.29
N VAL B 31 -23.63 14.12 -9.98
CA VAL B 31 -22.64 14.04 -11.04
C VAL B 31 -23.28 13.35 -12.25
N SER B 32 -23.21 13.98 -13.42
CA SER B 32 -23.64 13.27 -14.63
C SER B 32 -22.86 11.99 -14.83
N SER B 33 -23.54 10.95 -15.34
CA SER B 33 -22.81 9.70 -15.65
C SER B 33 -21.76 9.87 -16.74
N SER B 34 -21.74 11.01 -17.44
CA SER B 34 -20.63 11.28 -18.33
C SER B 34 -19.33 11.39 -17.59
N TYR B 35 -19.37 11.68 -16.29
CA TYR B 35 -18.19 12.12 -15.54
C TYR B 35 -17.92 11.24 -14.33
N LEU B 36 -18.40 10.01 -14.35
CA LEU B 36 -18.19 9.09 -13.24
C LEU B 36 -17.40 7.90 -13.77
N ALA B 37 -16.18 7.70 -13.25
CA ALA B 37 -15.28 6.68 -13.78
C ALA B 37 -15.01 5.66 -12.68
N TRP B 38 -14.62 4.46 -13.09
CA TRP B 38 -14.23 3.39 -12.17
C TRP B 38 -12.87 2.84 -12.56
N TYR B 39 -12.06 2.48 -11.55
CA TYR B 39 -10.72 1.97 -11.73
C TYR B 39 -10.52 0.70 -10.91
N GLN B 40 -9.63 -0.17 -11.39
CA GLN B 40 -9.12 -1.32 -10.65
C GLN B 40 -7.70 -1.05 -10.18
N HIS B 41 -7.35 -1.52 -8.99
CA HIS B 41 -5.97 -1.43 -8.58
C HIS B 41 -5.59 -2.75 -7.93
N LYS B 42 -4.63 -3.42 -8.53
N LYS B 42 -4.61 -3.43 -8.51
CA LYS B 42 -3.97 -4.58 -7.98
CA LYS B 42 -4.06 -4.68 -7.99
C LYS B 42 -2.70 -4.16 -7.27
C LYS B 42 -2.69 -4.38 -7.41
N PRO B 43 -2.42 -4.68 -6.10
CA PRO B 43 -1.12 -4.40 -5.48
C PRO B 43 0.09 -4.66 -6.38
N GLY B 44 0.98 -3.68 -6.48
CA GLY B 44 2.18 -3.83 -7.28
C GLY B 44 2.04 -3.42 -8.72
N GLN B 45 0.87 -2.94 -9.12
N GLN B 45 0.86 -2.95 -9.13
CA GLN B 45 0.57 -2.62 -10.49
CA GLN B 45 0.62 -2.63 -10.53
C GLN B 45 -0.01 -1.22 -10.52
C GLN B 45 -0.14 -1.30 -10.58
N ALA B 46 0.08 -0.55 -11.67
CA ALA B 46 -0.58 0.76 -11.76
C ALA B 46 -2.10 0.60 -11.83
N PRO B 47 -2.86 1.58 -11.34
CA PRO B 47 -4.30 1.59 -11.55
C PRO B 47 -4.66 1.47 -13.01
N ARG B 48 -5.83 0.88 -13.23
CA ARG B 48 -6.38 0.63 -14.57
C ARG B 48 -7.80 1.18 -14.66
N LEU B 49 -8.03 1.98 -15.68
CA LEU B 49 -9.39 2.44 -15.96
C LEU B 49 -10.25 1.28 -16.40
N LEU B 50 -11.43 1.13 -15.79
CA LEU B 50 -12.42 0.12 -16.18
C LEU B 50 -13.56 0.68 -16.99
N ILE B 51 -14.15 1.76 -16.54
CA ILE B 51 -15.43 2.28 -17.00
C ILE B 51 -15.36 3.79 -16.95
N SER B 52 -15.88 4.44 -17.99
CA SER B 52 -15.99 5.91 -17.97
C SER B 52 -17.02 6.33 -19.01
N ASP B 53 -17.42 7.60 -18.96
CA ASP B 53 -18.26 8.26 -19.99
C ASP B 53 -19.54 7.48 -20.31
N VAL B 54 -20.48 7.53 -19.37
CA VAL B 54 -21.80 6.88 -19.50
C VAL B 54 -21.61 5.35 -19.59
N TYR B 55 -20.86 4.80 -18.61
CA TYR B 55 -20.83 3.37 -18.35
C TYR B 55 -20.08 2.60 -19.41
N ARG B 56 -19.30 3.26 -20.27
N ARG B 56 -19.19 3.19 -20.19
CA ARG B 56 -18.58 2.56 -21.36
CA ARG B 56 -18.57 2.44 -21.27
C ARG B 56 -17.31 1.86 -20.82
C ARG B 56 -17.22 1.86 -20.87
N ARG B 57 -17.07 0.65 -21.31
N ARG B 57 -17.06 0.56 -21.14
N ARG B 57 -17.11 0.53 -21.24
CA ARG B 57 -15.89 -0.11 -20.90
CA ARG B 57 -15.85 -0.16 -20.83
CA ARG B 57 -15.87 -0.15 -20.83
C ARG B 57 -14.66 0.45 -21.60
C ARG B 57 -14.67 0.45 -21.57
C ARG B 57 -14.67 0.45 -21.56
N ALA B 58 -13.58 0.59 -20.84
CA ALA B 58 -12.32 1.02 -21.43
C ALA B 58 -11.71 -0.10 -22.25
N THR B 59 -10.66 0.24 -22.97
N THR B 59 -10.64 0.24 -22.95
CA THR B 59 -10.02 -0.73 -23.83
CA THR B 59 -9.95 -0.73 -23.78
C THR B 59 -9.44 -1.88 -23.01
C THR B 59 -9.47 -1.91 -22.95
N GLY B 60 -9.69 -3.09 -23.49
CA GLY B 60 -9.22 -4.29 -22.85
C GLY B 60 -10.03 -4.77 -21.66
N VAL B 61 -11.14 -4.13 -21.34
CA VAL B 61 -11.93 -4.47 -20.17
C VAL B 61 -13.00 -5.47 -20.58
N PRO B 62 -13.08 -6.63 -19.95
CA PRO B 62 -14.02 -7.67 -20.42
C PRO B 62 -15.45 -7.37 -20.02
N ASP B 63 -16.34 -8.17 -20.65
CA ASP B 63 -17.76 -7.90 -20.61
C ASP B 63 -18.36 -8.07 -19.23
N ARG B 64 -17.72 -8.85 -18.35
CA ARG B 64 -18.29 -9.05 -17.03
C ARG B 64 -18.30 -7.78 -16.19
N PHE B 65 -17.58 -6.72 -16.59
CA PHE B 65 -17.63 -5.43 -15.89
C PHE B 65 -18.71 -4.56 -16.49
N SER B 66 -19.59 -4.04 -15.64
CA SER B 66 -20.58 -3.08 -16.11
C SER B 66 -20.87 -2.05 -15.02
N ALA B 67 -21.51 -0.94 -15.40
CA ALA B 67 -21.77 0.09 -14.42
C ALA B 67 -23.14 0.72 -14.66
N SER B 68 -23.67 1.38 -13.61
CA SER B 68 -24.97 2.00 -13.70
C SER B 68 -25.05 3.13 -12.69
N GLY B 69 -26.17 3.89 -12.75
CA GLY B 69 -26.41 4.84 -11.68
C GLY B 69 -26.62 6.25 -12.19
N SER B 70 -27.21 7.10 -11.36
N SER B 70 -27.17 7.11 -11.33
CA SER B 70 -27.39 8.50 -11.74
CA SER B 70 -27.50 8.48 -11.73
C SER B 70 -27.51 9.29 -10.44
C SER B 70 -27.76 9.30 -10.47
N GLY B 71 -27.54 10.61 -10.60
CA GLY B 71 -27.69 11.49 -9.46
C GLY B 71 -26.46 11.48 -8.59
N THR B 72 -26.59 10.92 -7.39
CA THR B 72 -25.44 10.71 -6.51
C THR B 72 -25.06 9.25 -6.32
N ASP B 73 -25.82 8.29 -6.85
CA ASP B 73 -25.62 6.88 -6.47
C ASP B 73 -25.23 6.06 -7.69
N PHE B 74 -24.05 5.44 -7.63
CA PHE B 74 -23.45 4.74 -8.74
C PHE B 74 -23.08 3.35 -8.30
N THR B 75 -23.10 2.41 -9.27
N THR B 75 -23.09 2.44 -9.28
CA THR B 75 -22.80 1.02 -9.00
CA THR B 75 -22.76 1.06 -9.05
C THR B 75 -21.87 0.44 -10.06
C THR B 75 -21.72 0.60 -10.07
N LEU B 76 -20.84 -0.29 -9.62
CA LEU B 76 -20.00 -1.14 -10.49
C LEU B 76 -20.37 -2.59 -10.20
N THR B 77 -20.72 -3.34 -11.26
CA THR B 77 -21.08 -4.75 -11.13
C THR B 77 -20.07 -5.62 -11.85
N ILE B 78 -19.60 -6.66 -11.17
CA ILE B 78 -18.84 -7.73 -11.79
C ILE B 78 -19.75 -8.95 -11.80
N SER B 79 -20.20 -9.36 -12.99
CA SER B 79 -21.30 -10.33 -13.05
C SER B 79 -20.89 -11.69 -12.49
N ARG B 80 -19.65 -12.12 -12.76
CA ARG B 80 -19.13 -13.41 -12.30
C ARG B 80 -17.65 -13.19 -11.99
N LEU B 81 -17.26 -13.22 -10.71
CA LEU B 81 -15.87 -12.94 -10.39
C LEU B 81 -14.93 -14.01 -10.92
N GLU B 82 -13.83 -13.58 -11.51
CA GLU B 82 -12.67 -14.41 -11.81
C GLU B 82 -11.60 -14.20 -10.76
N PRO B 83 -10.71 -15.19 -10.59
CA PRO B 83 -9.63 -15.02 -9.59
C PRO B 83 -8.83 -13.74 -9.75
N GLU B 84 -8.59 -13.25 -10.98
CA GLU B 84 -7.87 -11.99 -11.17
C GLU B 84 -8.66 -10.73 -10.78
N ASP B 85 -9.93 -10.86 -10.42
CA ASP B 85 -10.76 -9.70 -10.07
C ASP B 85 -10.70 -9.33 -8.60
N PHE B 86 -10.04 -10.13 -7.78
CA PHE B 86 -9.92 -9.80 -6.37
C PHE B 86 -8.84 -8.75 -6.30
N ALA B 87 -9.26 -7.55 -5.94
CA ALA B 87 -8.48 -6.32 -6.16
C ALA B 87 -9.18 -5.20 -5.38
N VAL B 88 -8.66 -3.97 -5.49
CA VAL B 88 -9.31 -2.80 -4.91
C VAL B 88 -9.88 -1.95 -6.04
N TYR B 89 -11.09 -1.44 -5.87
CA TYR B 89 -11.78 -0.69 -6.91
C TYR B 89 -12.09 0.72 -6.42
N TYR B 90 -11.93 1.71 -7.30
CA TYR B 90 -12.10 3.12 -6.96
C TYR B 90 -13.05 3.76 -7.93
N CYS B 91 -14.00 4.53 -7.44
CA CYS B 91 -14.74 5.43 -8.33
C CYS B 91 -14.06 6.81 -8.32
N GLN B 92 -14.45 7.65 -9.28
CA GLN B 92 -13.85 8.98 -9.40
C GLN B 92 -14.87 9.88 -10.11
N GLN B 93 -14.99 11.13 -9.68
CA GLN B 93 -15.63 12.14 -10.52
C GLN B 93 -14.54 12.71 -11.39
N TYR B 94 -14.74 12.63 -12.72
CA TYR B 94 -13.72 13.09 -13.66
C TYR B 94 -14.36 13.88 -14.78
N GLY B 95 -14.19 15.21 -14.75
CA GLY B 95 -14.52 16.02 -15.92
C GLY B 95 -15.51 17.13 -15.71
N ILE B 96 -16.13 17.30 -14.57
CA ILE B 96 -17.03 18.44 -14.42
C ILE B 96 -16.59 19.41 -13.35
N SER B 97 -15.88 18.95 -12.31
CA SER B 97 -15.56 19.84 -11.17
C SER B 97 -14.17 19.50 -10.65
N SER B 98 -13.22 20.43 -10.79
CA SER B 98 -11.90 20.18 -10.16
C SER B 98 -11.99 20.49 -8.67
N PRO B 99 -11.44 19.66 -7.76
CA PRO B 99 -10.56 18.51 -8.04
C PRO B 99 -11.34 17.27 -8.42
N PHE B 100 -10.69 16.36 -9.16
CA PHE B 100 -11.32 15.11 -9.61
C PHE B 100 -11.01 13.99 -8.62
N ASN B 101 -11.79 13.98 -7.51
CA ASN B 101 -11.44 13.10 -6.41
C ASN B 101 -11.90 11.67 -6.65
N PHE B 102 -11.14 10.73 -6.06
CA PHE B 102 -11.53 9.34 -6.00
C PHE B 102 -12.31 9.03 -4.72
N GLY B 103 -13.13 7.97 -4.79
CA GLY B 103 -13.62 7.36 -3.54
C GLY B 103 -12.48 6.72 -2.77
N GLN B 104 -12.79 6.26 -1.57
CA GLN B 104 -11.73 5.74 -0.71
C GLN B 104 -11.34 4.30 -1.01
N GLY B 105 -12.07 3.64 -1.91
CA GLY B 105 -11.78 2.30 -2.36
C GLY B 105 -12.63 1.25 -1.65
N THR B 106 -12.98 0.20 -2.41
CA THR B 106 -13.59 -1.03 -1.88
C THR B 106 -12.69 -2.19 -2.24
N LYS B 107 -12.27 -2.96 -1.23
CA LYS B 107 -11.49 -4.13 -1.50
C LYS B 107 -12.41 -5.32 -1.70
N VAL B 108 -12.20 -6.09 -2.75
CA VAL B 108 -12.91 -7.36 -2.95
C VAL B 108 -11.92 -8.46 -2.58
N ASP B 109 -12.21 -9.17 -1.47
CA ASP B 109 -11.31 -10.26 -1.06
C ASP B 109 -12.04 -11.60 -1.10
N ILE B 110 -11.28 -12.69 -0.93
N ILE B 110 -11.32 -12.68 -0.83
CA ILE B 110 -11.82 -14.04 -0.97
CA ILE B 110 -11.83 -14.03 -1.00
C ILE B 110 -12.54 -14.33 0.36
C ILE B 110 -12.47 -14.51 0.32
N LYS B 111 -13.76 -14.80 0.26
CA LYS B 111 -14.50 -15.29 1.40
C LYS B 111 -14.01 -16.65 1.91
N ARG B 112 -13.92 -16.80 3.23
CA ARG B 112 -13.67 -18.10 3.83
C ARG B 112 -14.26 -18.09 5.24
N THR B 113 -14.23 -19.24 5.92
CA THR B 113 -14.72 -19.31 7.28
C THR B 113 -13.85 -18.48 8.22
N VAL B 114 -14.47 -17.99 9.29
CA VAL B 114 -13.77 -17.26 10.34
C VAL B 114 -12.67 -18.14 10.95
N ALA B 115 -11.45 -17.56 11.04
CA ALA B 115 -10.30 -18.25 11.62
C ALA B 115 -9.65 -17.30 12.62
N ALA B 116 -9.56 -17.74 13.87
CA ALA B 116 -8.89 -16.95 14.87
C ALA B 116 -7.38 -16.97 14.63
N PRO B 117 -6.71 -15.88 14.95
CA PRO B 117 -5.24 -15.90 14.90
C PRO B 117 -4.64 -16.78 15.96
N SER B 118 -3.53 -17.40 15.62
N SER B 118 -3.48 -17.36 15.63
CA SER B 118 -2.60 -17.84 16.64
CA SER B 118 -2.56 -17.88 16.64
C SER B 118 -1.70 -16.66 16.96
C SER B 118 -1.53 -16.79 16.95
N VAL B 119 -1.41 -16.47 18.25
CA VAL B 119 -0.70 -15.27 18.72
C VAL B 119 0.61 -15.69 19.37
N PHE B 120 1.69 -14.94 19.05
CA PHE B 120 3.01 -15.21 19.59
C PHE B 120 3.67 -13.91 19.95
N ILE B 121 4.35 -13.87 21.11
CA ILE B 121 5.04 -12.65 21.52
C ILE B 121 6.54 -12.95 21.60
N PHE B 122 7.35 -11.98 21.17
CA PHE B 122 8.81 -12.11 21.18
C PHE B 122 9.43 -10.97 21.96
N PRO B 123 10.26 -11.26 22.95
CA PRO B 123 11.04 -10.20 23.61
C PRO B 123 12.12 -9.65 22.67
N PRO B 124 12.65 -8.48 23.01
CA PRO B 124 13.88 -8.02 22.36
C PRO B 124 14.98 -9.05 22.56
N SER B 125 15.77 -9.23 21.52
CA SER B 125 16.93 -10.11 21.59
C SER B 125 18.04 -9.47 22.43
N ASP B 126 18.87 -10.33 23.03
CA ASP B 126 20.01 -9.79 23.74
C ASP B 126 20.92 -9.01 22.80
N GLU B 127 21.03 -9.44 21.54
CA GLU B 127 21.83 -8.73 20.55
C GLU B 127 21.36 -7.28 20.41
N GLN B 128 20.04 -7.08 20.26
CA GLN B 128 19.50 -5.74 20.04
C GLN B 128 19.69 -4.89 21.28
N LEU B 129 19.46 -5.47 22.46
CA LEU B 129 19.64 -4.73 23.69
C LEU B 129 21.05 -4.21 23.87
N LYS B 130 22.04 -4.84 23.22
CA LYS B 130 23.40 -4.28 23.28
C LYS B 130 23.44 -2.86 22.72
N SER B 131 22.51 -2.51 21.81
N SER B 131 22.52 -2.49 21.85
CA SER B 131 22.30 -1.15 21.34
CA SER B 131 22.41 -1.09 21.47
C SER B 131 21.35 -0.42 22.29
C SER B 131 21.30 -0.42 22.30
N GLY B 132 20.84 0.73 21.88
CA GLY B 132 20.04 1.52 22.78
C GLY B 132 18.55 1.31 22.70
N THR B 133 18.11 0.31 21.93
N THR B 133 18.09 0.31 21.94
CA THR B 133 16.71 0.15 21.57
CA THR B 133 16.68 0.19 21.60
C THR B 133 16.22 -1.26 21.90
C THR B 133 16.19 -1.24 21.79
N ALA B 134 14.92 -1.36 22.11
CA ALA B 134 14.28 -2.62 22.35
C ALA B 134 13.07 -2.67 21.44
N SER B 135 12.91 -3.75 20.68
CA SER B 135 11.72 -3.98 19.89
C SER B 135 11.03 -5.22 20.43
N VAL B 136 9.74 -5.07 20.77
CA VAL B 136 8.91 -6.19 21.22
C VAL B 136 7.92 -6.49 20.11
N VAL B 137 7.80 -7.77 19.71
CA VAL B 137 7.03 -8.10 18.51
C VAL B 137 5.91 -9.05 18.88
N CYS B 138 4.71 -8.75 18.39
CA CYS B 138 3.54 -9.60 18.53
C CYS B 138 3.09 -10.04 17.15
N LEU B 139 2.93 -11.35 16.96
CA LEU B 139 2.58 -11.94 15.64
C LEU B 139 1.16 -12.50 15.79
N LEU B 140 0.26 -12.09 14.87
CA LEU B 140 -1.06 -12.70 14.71
C LEU B 140 -0.99 -13.49 13.42
N ASN B 141 -1.11 -14.81 13.52
CA ASN B 141 -0.83 -15.69 12.40
C ASN B 141 -2.12 -16.31 11.85
N ASN B 142 -2.36 -16.09 10.56
N ASN B 142 -2.31 -16.13 10.55
CA ASN B 142 -3.32 -16.88 9.77
CA ASN B 142 -3.32 -16.82 9.72
C ASN B 142 -4.77 -16.74 10.26
C ASN B 142 -4.73 -16.71 10.34
N PHE B 143 -5.27 -15.48 10.20
CA PHE B 143 -6.61 -15.19 10.68
C PHE B 143 -7.51 -14.69 9.54
N TYR B 144 -8.81 -14.71 9.80
CA TYR B 144 -9.79 -14.21 8.82
C TYR B 144 -11.05 -13.90 9.59
N PRO B 145 -11.72 -12.77 9.38
CA PRO B 145 -11.41 -11.72 8.40
C PRO B 145 -10.26 -10.86 8.88
N ARG B 146 -10.00 -9.83 8.07
CA ARG B 146 -8.86 -8.97 8.28
C ARG B 146 -8.98 -8.11 9.55
N GLU B 147 -10.17 -7.74 9.96
CA GLU B 147 -10.28 -6.82 11.10
C GLU B 147 -9.73 -7.47 12.36
N ALA B 148 -8.84 -6.77 13.06
CA ALA B 148 -8.21 -7.29 14.26
C ALA B 148 -7.72 -6.11 15.10
N LYS B 149 -7.66 -6.29 16.41
CA LYS B 149 -7.24 -5.22 17.28
C LYS B 149 -6.13 -5.77 18.18
N VAL B 150 -5.03 -5.04 18.26
CA VAL B 150 -3.89 -5.42 19.10
C VAL B 150 -3.63 -4.27 20.05
N GLN B 151 -3.57 -4.56 21.35
CA GLN B 151 -3.23 -3.57 22.36
C GLN B 151 -2.02 -4.06 23.14
N TRP B 152 -1.04 -3.17 23.35
CA TRP B 152 0.13 -3.45 24.17
C TRP B 152 -0.07 -2.94 25.59
N LYS B 153 0.32 -3.76 26.58
CA LYS B 153 0.34 -3.32 27.97
C LYS B 153 1.73 -3.58 28.56
N VAL B 154 2.28 -2.58 29.28
CA VAL B 154 3.57 -2.73 29.93
C VAL B 154 3.31 -2.50 31.43
N ASP B 155 3.54 -3.55 32.22
CA ASP B 155 3.21 -3.53 33.64
C ASP B 155 1.76 -3.13 33.84
N ASN B 156 0.89 -3.70 32.98
CA ASN B 156 -0.56 -3.51 32.96
C ASN B 156 -0.96 -2.11 32.49
N ALA B 157 -0.01 -1.28 32.07
CA ALA B 157 -0.31 0.05 31.56
C ALA B 157 -0.52 0.00 30.04
N LEU B 158 -1.69 0.44 29.58
CA LEU B 158 -1.96 0.48 28.16
C LEU B 158 -1.00 1.41 27.44
N GLN B 159 -0.46 0.96 26.32
CA GLN B 159 0.48 1.75 25.54
C GLN B 159 -0.24 2.44 24.39
N SER B 160 0.28 3.60 24.02
N SER B 160 0.25 3.62 24.04
CA SER B 160 -0.28 4.42 22.96
CA SER B 160 -0.30 4.34 22.90
C SER B 160 0.85 5.11 22.22
C SER B 160 0.82 5.10 22.22
N GLY B 161 0.81 5.10 20.89
CA GLY B 161 1.72 5.89 20.09
C GLY B 161 3.11 5.30 19.86
N ASN B 162 3.43 4.16 20.43
CA ASN B 162 4.77 3.60 20.30
C ASN B 162 4.76 2.23 19.64
N SER B 163 3.74 1.96 18.81
CA SER B 163 3.70 0.68 18.09
C SER B 163 3.28 0.92 16.64
N GLN B 164 3.62 -0.03 15.79
CA GLN B 164 3.31 0.01 14.37
C GLN B 164 2.92 -1.38 13.91
N GLU B 165 1.93 -1.46 13.03
CA GLU B 165 1.41 -2.73 12.52
C GLU B 165 1.70 -2.88 11.03
N SER B 166 1.97 -4.11 10.64
N SER B 166 1.86 -4.13 10.60
CA SER B 166 2.13 -4.47 9.25
CA SER B 166 2.00 -4.47 9.20
C SER B 166 1.28 -5.71 9.02
C SER B 166 1.27 -5.76 8.90
N VAL B 167 0.76 -5.87 7.80
N VAL B 167 0.54 -5.78 7.79
CA VAL B 167 -0.21 -6.91 7.48
CA VAL B 167 -0.28 -6.91 7.42
C VAL B 167 0.09 -7.46 6.10
C VAL B 167 0.20 -7.49 6.08
N THR B 168 0.04 -8.79 5.96
CA THR B 168 0.28 -9.44 4.66
C THR B 168 -0.94 -9.38 3.76
N GLU B 169 -0.71 -9.57 2.47
CA GLU B 169 -1.82 -9.78 1.56
C GLU B 169 -2.45 -11.12 1.83
N GLN B 170 -3.71 -11.27 1.39
CA GLN B 170 -4.43 -12.51 1.61
C GLN B 170 -3.67 -13.71 1.05
N ASP B 171 -3.53 -14.75 1.86
CA ASP B 171 -2.73 -15.92 1.46
C ASP B 171 -3.35 -16.69 0.29
N SER B 172 -2.50 -17.09 -0.67
CA SER B 172 -3.04 -17.76 -1.85
C SER B 172 -3.51 -19.18 -1.56
N LYS B 173 -2.99 -19.84 -0.52
CA LYS B 173 -3.41 -21.21 -0.21
C LYS B 173 -4.58 -21.27 0.77
N ASP B 174 -4.60 -20.45 1.84
CA ASP B 174 -5.66 -20.59 2.81
C ASP B 174 -6.51 -19.34 3.02
N SER B 175 -6.23 -18.29 2.26
CA SER B 175 -7.09 -17.10 2.23
C SER B 175 -7.11 -16.35 3.55
N THR B 176 -6.08 -16.52 4.38
CA THR B 176 -5.97 -15.80 5.64
C THR B 176 -5.02 -14.61 5.51
N TYR B 177 -5.02 -13.79 6.56
CA TYR B 177 -4.12 -12.67 6.76
C TYR B 177 -3.20 -12.96 7.94
N SER B 178 -2.06 -12.27 7.99
CA SER B 178 -1.18 -12.30 9.14
C SER B 178 -0.73 -10.87 9.41
N LEU B 179 -0.43 -10.60 10.69
CA LEU B 179 -0.16 -9.25 11.11
C LEU B 179 0.97 -9.25 12.12
N SER B 180 1.85 -8.25 12.04
CA SER B 180 2.84 -8.03 13.08
C SER B 180 2.54 -6.70 13.74
N SER B 181 2.77 -6.64 15.04
CA SER B 181 2.70 -5.39 15.78
C SER B 181 4.00 -5.24 16.53
N THR B 182 4.68 -4.12 16.36
CA THR B 182 6.01 -3.96 16.92
C THR B 182 5.99 -2.77 17.87
N LEU B 183 6.35 -3.01 19.12
CA LEU B 183 6.42 -1.99 20.16
C LEU B 183 7.87 -1.56 20.30
N THR B 184 8.13 -0.26 20.17
CA THR B 184 9.51 0.24 20.23
C THR B 184 9.67 1.06 21.51
N LEU B 185 10.65 0.66 22.35
CA LEU B 185 10.99 1.37 23.57
C LEU B 185 12.50 1.62 23.58
N SER B 186 12.93 2.62 24.34
CA SER B 186 14.35 2.70 24.62
C SER B 186 14.74 1.52 25.50
N LYS B 187 16.01 1.13 25.40
CA LYS B 187 16.51 0.12 26.33
C LYS B 187 16.26 0.52 27.78
N ALA B 188 16.52 1.78 28.13
CA ALA B 188 16.32 2.22 29.50
C ALA B 188 14.87 2.04 29.94
N ASP B 189 13.91 2.39 29.08
CA ASP B 189 12.52 2.15 29.46
C ASP B 189 12.23 0.66 29.54
N TYR B 190 12.76 -0.12 28.59
CA TYR B 190 12.48 -1.55 28.61
C TYR B 190 12.95 -2.21 29.91
N GLU B 191 14.15 -1.83 30.39
CA GLU B 191 14.71 -2.43 31.60
C GLU B 191 14.06 -1.95 32.88
N LYS B 192 13.22 -0.90 32.82
CA LYS B 192 12.49 -0.40 33.98
C LYS B 192 11.19 -1.16 34.26
N HIS B 193 10.73 -2.01 33.35
CA HIS B 193 9.44 -2.66 33.53
C HIS B 193 9.60 -4.17 33.40
N LYS B 194 8.60 -4.89 33.91
CA LYS B 194 8.64 -6.35 34.01
C LYS B 194 7.72 -7.07 33.04
N VAL B 195 6.42 -6.75 33.03
CA VAL B 195 5.42 -7.56 32.33
C VAL B 195 5.14 -6.92 30.97
N TYR B 196 5.38 -7.67 29.90
CA TYR B 196 5.11 -7.21 28.55
C TYR B 196 4.02 -8.09 27.96
N ALA B 197 2.93 -7.46 27.51
CA ALA B 197 1.79 -8.24 27.03
C ALA B 197 1.16 -7.64 25.77
N CYS B 198 0.81 -8.49 24.83
N CYS B 198 0.68 -8.54 24.92
CA CYS B 198 -0.05 -8.04 23.75
CA CYS B 198 -0.01 -8.22 23.69
C CYS B 198 -1.38 -8.76 23.87
C CYS B 198 -1.41 -8.83 23.75
N GLU B 199 -2.45 -7.99 23.70
CA GLU B 199 -3.85 -8.45 23.85
C GLU B 199 -4.57 -8.30 22.52
N VAL B 200 -5.15 -9.40 22.03
CA VAL B 200 -5.66 -9.48 20.67
C VAL B 200 -7.16 -9.74 20.71
N THR B 201 -7.91 -8.93 19.97
N THR B 201 -7.93 -8.92 20.00
CA THR B 201 -9.35 -9.07 19.80
CA THR B 201 -9.36 -9.14 19.83
C THR B 201 -9.63 -9.42 18.33
C THR B 201 -9.65 -9.42 18.36
N HIS B 202 -10.47 -10.43 18.11
CA HIS B 202 -10.77 -10.87 16.75
C HIS B 202 -12.08 -11.66 16.77
N GLN B 203 -12.84 -11.61 15.67
CA GLN B 203 -14.14 -12.28 15.60
C GLN B 203 -14.05 -13.78 15.93
N GLY B 204 -12.92 -14.41 15.61
CA GLY B 204 -12.74 -15.83 15.89
C GLY B 204 -12.44 -16.18 17.34
N LEU B 205 -12.23 -15.18 18.20
CA LEU B 205 -11.89 -15.35 19.61
C LEU B 205 -13.10 -15.00 20.48
N SER B 206 -13.51 -15.95 21.34
CA SER B 206 -14.67 -15.72 22.22
C SER B 206 -14.44 -14.50 23.10
N SER B 207 -13.22 -14.36 23.59
CA SER B 207 -12.76 -13.26 24.41
C SER B 207 -11.31 -13.00 24.01
N PRO B 208 -10.78 -11.82 24.31
CA PRO B 208 -9.42 -11.48 23.87
C PRO B 208 -8.35 -12.43 24.40
N VAL B 209 -7.33 -12.68 23.58
N VAL B 209 -7.40 -12.74 23.58
CA VAL B 209 -6.21 -13.55 23.93
CA VAL B 209 -6.26 -13.51 24.03
C VAL B 209 -5.00 -12.69 24.26
C VAL B 209 -5.16 -12.54 24.41
N THR B 210 -4.37 -12.94 25.41
CA THR B 210 -3.20 -12.20 25.83
C THR B 210 -2.01 -13.15 25.84
N LYS B 211 -0.91 -12.72 25.20
CA LYS B 211 0.37 -13.39 25.32
C LYS B 211 1.33 -12.45 26.01
N SER B 212 2.10 -12.96 26.94
CA SER B 212 2.92 -12.09 27.77
C SER B 212 4.23 -12.78 28.12
N PHE B 213 5.22 -11.97 28.49
CA PHE B 213 6.44 -12.46 29.11
C PHE B 213 6.84 -11.49 30.21
N ASN B 214 7.62 -12.01 31.15
CA ASN B 214 8.29 -11.20 32.15
C ASN B 214 9.75 -11.02 31.76
N ARG B 215 10.18 -9.77 31.69
CA ARG B 215 11.56 -9.48 31.28
C ARG B 215 12.57 -10.18 32.17
N GLY B 216 13.46 -10.95 31.56
CA GLY B 216 14.50 -11.64 32.30
C GLY B 216 14.08 -12.92 32.99
N GLU B 217 12.97 -13.53 32.60
CA GLU B 217 12.52 -14.75 33.27
C GLU B 217 12.21 -15.83 32.24
#